data_6WTR
#
_entry.id   6WTR
#
_cell.length_a   113.070
_cell.length_b   113.070
_cell.length_c   114.050
_cell.angle_alpha   90.000
_cell.angle_beta   90.000
_cell.angle_gamma   120.000
#
_symmetry.space_group_name_H-M   'P 31 2 1'
#
loop_
_entity.id
_entity.type
_entity.pdbx_description
1 polymer 'RNA (125-MER)'
2 non-polymer "(2R,3R,3aS,5R,7aR,9R,10R,10aS,12R,14aR)-2,9-bis(6-amino-9H-purin-9-yl)octahydro-2H,7H-difuro[3,2-d:3',2'-j][1,3,7,9,2,8 ]tetraoxadiphosphacyclododecine-3,5,10,12-tetrol 5,12-dioxide"
3 non-polymer 'MAGNESIUM ION'
4 non-polymer 'POTASSIUM ION'
5 non-polymer 'SULFATE ION'
6 water water
#
_entity_poly.entity_id   1
_entity_poly.type   'polyribonucleotide'
_entity_poly.pdbx_seq_one_letter_code
;(GDP)GUUGCCGAAUCCUUUACUUGGUACGGAGGAACCGCUUUUUGGGGUUAAUCUGCAGUGAAGCUGCAGUAGGGAUAC
CUUCUGUCCCGCACCCGACAGCUAACUCCGGAGGCAAUAAAGGAAGGAG
;
_entity_poly.pdbx_strand_id   A
#
loop_
_chem_comp.id
_chem_comp.type
_chem_comp.name
_chem_comp.formula
2BA non-polymer '(2R,3R,3aS,5R,7aR,9R,10R,10aS,12R,14aR)-2,9-bis(6-amino-9H-purin-9-yl)octahydro-2H,7H-difuro[3,2-d:3',2'-j][1,3,7,9,2,8 ]tetraoxadiphosphacyclododecine-3,5,10,12-tetrol 5,12-dioxide' 'C20 H24 N10 O12 P2'
A RNA linking ADENOSINE-5'-MONOPHOSPHATE 'C10 H14 N5 O7 P'
C RNA linking CYTIDINE-5'-MONOPHOSPHATE 'C9 H14 N3 O8 P'
G RNA linking GUANOSINE-5'-MONOPHOSPHATE 'C10 H14 N5 O8 P'
GDP RNA linking GUANOSINE-5'-DIPHOSPHATE 'C10 H15 N5 O11 P2'
K non-polymer 'POTASSIUM ION' 'K 1'
MG non-polymer 'MAGNESIUM ION' 'Mg 2'
SO4 non-polymer 'SULFATE ION' 'O4 S -2'
U RNA linking URIDINE-5'-MONOPHOSPHATE 'C9 H13 N2 O9 P'
#
# COMPACT_ATOMS: atom_id res chain seq x y z
PB GDP A 1 8.24 -8.55 8.50
O1B GDP A 1 7.94 -7.07 8.57
O2B GDP A 1 7.84 -9.12 7.15
O3B GDP A 1 7.46 -9.32 9.67
O3A GDP A 1 9.79 -8.79 8.83
PA GDP A 1 10.99 -8.46 7.79
O1A GDP A 1 11.58 -7.11 8.11
O2A GDP A 1 12.04 -9.55 7.85
O5' GDP A 1 10.32 -8.43 6.32
C5' GDP A 1 10.58 -9.48 5.43
C4' GDP A 1 10.57 -9.03 3.98
O4' GDP A 1 9.33 -8.42 3.66
C3' GDP A 1 11.63 -8.00 3.60
O3' GDP A 1 12.85 -8.59 3.26
C2' GDP A 1 10.99 -7.32 2.42
O2' GDP A 1 11.28 -8.03 1.24
C1' GDP A 1 9.50 -7.38 2.71
N9 GDP A 1 9.14 -6.10 3.34
C8 GDP A 1 8.72 -5.94 4.63
N7 GDP A 1 8.49 -4.62 4.84
C5 GDP A 1 8.74 -3.95 3.70
C6 GDP A 1 8.66 -2.60 3.38
O6 GDP A 1 8.30 -1.79 4.23
N1 GDP A 1 8.99 -2.19 2.11
C2 GDP A 1 9.41 -3.10 1.18
N2 GDP A 1 9.72 -2.70 -0.05
N3 GDP A 1 9.49 -4.44 1.50
C4 GDP A 1 9.15 -4.87 2.74
P 2BA B . 4.63 13.93 8.03
O1P 2BA B . 4.27 12.78 8.95
O2P 2BA B . 4.99 15.27 8.63
O5' 2BA B . 5.84 13.44 7.08
C5' 2BA B . 6.64 14.38 6.37
C4' 2BA B . 7.65 13.71 5.46
O4' 2BA B . 8.83 13.44 6.22
C3' 2BA B . 7.20 12.38 4.87
O3' 2BA B . 6.87 12.51 3.48
C2' 2BA B . 8.38 11.45 5.00
O2' 2BA B . 9.03 11.30 3.73
C1' 2BA B . 9.32 12.12 6.00
N9 2BA B . 9.27 11.38 7.28
C8 2BA B . 8.21 11.33 8.10
N7 2BA B . 8.48 10.56 9.19
C5 2BA B . 9.74 10.11 9.08
C6 2BA B . 10.65 9.26 9.87
N6 2BA B . 10.26 8.71 11.05
N1 2BA B . 11.89 9.03 9.38
C2 2BA B . 12.29 9.56 8.22
N3 2BA B . 11.52 10.34 7.44
C4 2BA B . 10.25 10.64 7.81
P1 2BA B . 5.57 11.76 2.92
O1P1 2BA B . 5.73 10.27 3.15
O2P1 2BA B . 5.30 12.30 1.53
O5'1 2BA B . 4.45 12.28 3.95
C5'1 2BA B . 3.61 13.39 3.63
C4'1 2BA B . 2.57 13.59 4.74
O4'1 2BA B . 1.40 12.87 4.38
C3'1 2BA B . 3.01 13.08 6.09
O3'1 2BA B . 3.41 14.13 6.98
C2'1 2BA B . 1.80 12.38 6.67
O2'1 2BA B . 1.14 13.25 7.59
C1'1 2BA B . 0.89 12.11 5.48
N91 2BA B . 0.95 10.64 5.21
C81 2BA B . 2.02 9.98 4.72
N71 2BA B . 1.76 8.65 4.61
C51 2BA B . 0.50 8.44 5.03
C61 2BA B . -0.41 7.26 5.17
N61 2BA B . 0.00 6.01 4.83
N11 2BA B . -1.65 7.49 5.65
C21 2BA B . -2.06 8.73 6.00
N31 2BA B . -1.30 9.83 5.90
C41 2BA B . -0.02 9.75 5.43
P 2BA C . -8.04 -6.66 -11.47
O1P 2BA C . -8.29 -7.25 -10.11
O2P 2BA C . -8.21 -7.54 -12.70
O5' 2BA C . -8.97 -5.35 -11.62
C5' 2BA C . -8.93 -4.57 -12.81
C4' 2BA C . -9.87 -3.38 -12.66
O4' 2BA C . -11.20 -3.88 -12.53
C3' 2BA C . -9.62 -2.56 -11.41
O3' 2BA C . -8.83 -1.40 -11.68
C2' 2BA C . -10.99 -2.16 -10.92
O2' 2BA C . -11.28 -0.83 -11.35
C1' 2BA C . -11.95 -3.12 -11.60
N9 2BA C . -12.56 -4.01 -10.59
C8 2BA C . -11.97 -5.05 -9.97
N7 2BA C . -12.82 -5.66 -9.10
C5 2BA C . -13.99 -4.99 -9.15
C6 2BA C . -15.32 -5.12 -8.50
N6 2BA C . -15.57 -6.07 -7.58
N1 2BA C . -16.26 -4.21 -8.85
C2 2BA C . -16.03 -3.25 -9.76
N3 2BA C . -14.85 -3.08 -10.39
C4 2BA C . -13.82 -3.91 -10.13
P1 2BA C . -7.52 -1.18 -10.77
O1P1 2BA C . -7.97 -0.95 -9.35
O2P1 2BA C . -6.63 -0.20 -11.49
O5'1 2BA C . -6.85 -2.64 -10.83
C5'1 2BA C . -5.49 -2.78 -11.20
C4'1 2BA C . -5.02 -4.21 -10.97
O4'1 2BA C . -4.02 -4.20 -9.95
C3'1 2BA C . -6.13 -5.14 -10.48
O3'1 2BA C . -6.55 -6.04 -11.50
C2'1 2BA C . -5.54 -5.92 -9.33
O2'1 2BA C . -5.27 -7.26 -9.74
C1'1 2BA C . -4.24 -5.21 -8.96
N91 2BA C . -4.44 -4.57 -7.64
C81 2BA C . -5.42 -3.72 -7.33
N71 2BA C . -5.33 -3.31 -6.04
C51 2BA C . -4.26 -3.91 -5.50
C61 2BA C . -3.60 -3.92 -4.18
N61 2BA C . -4.07 -3.18 -3.16
N11 2BA C . -2.50 -4.70 -4.04
C21 2BA C . -2.01 -5.44 -5.06
N31 2BA C . -2.57 -5.48 -6.29
C41 2BA C . -3.68 -4.76 -6.56
MG MG D . -18.18 -11.24 -4.86
MG MG E . -11.98 -5.33 -0.05
K K F . 13.60 -10.09 -0.62
MG MG G . -23.01 -13.52 -6.66
S SO4 H . -17.71 -17.59 5.16
O1 SO4 H . -18.33 -17.09 6.39
O2 SO4 H . -16.32 -17.17 5.13
O3 SO4 H . -17.78 -19.05 5.15
O4 SO4 H . -18.42 -17.05 4.02
#